data_5CDZ
#
_entry.id   5CDZ
#
_cell.length_a   101.679
_cell.length_b   101.679
_cell.length_c   62.720
_cell.angle_alpha   90.00
_cell.angle_beta   90.00
_cell.angle_gamma   120.00
#
_symmetry.space_group_name_H-M   'P 62'
#
loop_
_entity.id
_entity.type
_entity.pdbx_description
1 polymer 'Conserpin in the latent state'
2 non-polymer GLYCEROL
3 water water
#
_entity_poly.entity_id   1
_entity_poly.type   'polypeptide(L)'
_entity_poly.pdbx_seq_one_letter_code
;MHHHHHHENLYFQGAASSHKLAEANTDFAFSLYRELAKSSPDKNIFFSPVSISSALAMLSLGAKGDTHTQILEGLGFNSE
ADIHQGFQHLLQTLNRPKGLQLKTANGLFVDKSLKLLDSFLEDSKKLYQAEAFSVDFDPEEAKKQINDWVEKQTNGKIKD
LLKDLDSDTVLVLVNAIYFKGKWKKPFDPENTKEEDFHVDEKTTVKVPMMSQKGKFYYYHDDELSCKVLELPYKGNASML
IILPDEGGLQHLEQSLTPETLSKWLKSLTRRSVELYLPKFKIEGTYDLKEVLSNLGITDLFSPGADLSGITEEKLYVSKA
VHKAVLEVNEEGTEAAAATGVEIVPRSPPEFKADRPFLFLIRENKTGSILFMGKVVNP
;
_entity_poly.pdbx_strand_id   A
#
loop_
_chem_comp.id
_chem_comp.type
_chem_comp.name
_chem_comp.formula
GOL non-polymer GLYCEROL 'C3 H8 O3'
#
# COMPACT_ATOMS: atom_id res chain seq x y z
N SER A 18 1.54 15.57 -12.53
CA SER A 18 1.73 14.12 -12.25
C SER A 18 3.01 13.89 -11.46
N HIS A 19 4.07 14.62 -11.82
CA HIS A 19 5.38 14.42 -11.20
C HIS A 19 5.35 14.88 -9.74
N LYS A 20 4.67 15.99 -9.51
CA LYS A 20 4.56 16.58 -8.17
C LYS A 20 3.69 15.69 -7.26
N LEU A 21 2.63 15.17 -7.83
CA LEU A 21 1.77 14.22 -7.09
C LEU A 21 2.56 12.97 -6.71
N ALA A 22 3.36 12.47 -7.64
CA ALA A 22 4.20 11.31 -7.39
C ALA A 22 5.18 11.60 -6.25
N GLU A 23 5.77 12.77 -6.24
CA GLU A 23 6.70 13.15 -5.17
C GLU A 23 6.00 13.08 -3.82
N ALA A 24 4.84 13.71 -3.73
CA ALA A 24 4.09 13.73 -2.47
C ALA A 24 3.72 12.31 -2.05
N ASN A 25 3.15 11.54 -2.97
CA ASN A 25 2.73 10.19 -2.67
C ASN A 25 3.91 9.30 -2.27
N THR A 26 5.08 9.52 -2.86
CA THR A 26 6.27 8.76 -2.50
C THR A 26 6.82 9.19 -1.14
N ASP A 27 6.84 10.49 -0.83
CA ASP A 27 7.20 11.00 0.49
C ASP A 27 6.28 10.34 1.51
N PHE A 28 4.97 10.28 1.22
CA PHE A 28 4.03 9.60 2.12
C PHE A 28 4.36 8.13 2.27
N ALA A 29 4.64 7.45 1.18
CA ALA A 29 4.98 6.03 1.24
C ALA A 29 6.13 5.77 2.22
N PHE A 30 7.18 6.59 2.11
CA PHE A 30 8.34 6.35 2.94
C PHE A 30 8.17 6.82 4.35
N SER A 31 7.40 7.89 4.54
CA SER A 31 7.09 8.38 5.87
C SER A 31 6.21 7.38 6.61
N LEU A 32 5.21 6.85 5.94
CA LEU A 32 4.39 5.80 6.50
C LEU A 32 5.22 4.54 6.77
N TYR A 33 6.07 4.17 5.83
CA TYR A 33 6.89 3.00 6.03
C TYR A 33 7.68 3.13 7.33
N ARG A 34 8.29 4.29 7.56
CA ARG A 34 9.06 4.47 8.80
C ARG A 34 8.22 4.31 10.06
N GLU A 35 6.98 4.78 10.03
CA GLU A 35 6.10 4.65 11.20
C GLU A 35 5.72 3.19 11.38
N LEU A 36 5.52 2.47 10.30
CA LEU A 36 5.18 1.06 10.40
C LEU A 36 6.35 0.29 10.97
N ALA A 37 7.55 0.62 10.52
CA ALA A 37 8.75 -0.07 10.97
C ALA A 37 9.00 0.15 12.43
N LYS A 38 8.66 1.34 12.90
CA LYS A 38 8.80 1.69 14.30
C LYS A 38 7.78 0.93 15.14
N SER A 39 6.53 0.88 14.69
CA SER A 39 5.44 0.33 15.51
C SER A 39 5.44 -1.20 15.48
N SER A 40 5.99 -1.76 14.40
CA SER A 40 6.12 -3.20 14.22
C SER A 40 7.60 -3.54 13.97
N PRO A 41 8.46 -3.41 15.00
CA PRO A 41 9.94 -3.42 14.90
C PRO A 41 10.64 -4.60 14.19
N ASP A 42 10.40 -5.85 14.61
CA ASP A 42 11.17 -6.97 14.05
C ASP A 42 10.33 -7.81 13.10
N LYS A 43 9.71 -7.14 12.12
CA LYS A 43 8.59 -7.73 11.42
C LYS A 43 8.64 -7.48 9.91
N ASN A 44 8.16 -8.48 9.17
CA ASN A 44 7.85 -8.25 7.76
C ASN A 44 6.88 -7.07 7.72
N ILE A 45 7.05 -6.20 6.76
CA ILE A 45 6.13 -5.09 6.49
C ILE A 45 5.63 -5.24 5.07
N PHE A 46 4.33 -5.06 4.81
CA PHE A 46 3.83 -5.03 3.47
C PHE A 46 2.58 -4.17 3.43
N PHE A 47 2.56 -3.20 2.55
CA PHE A 47 1.42 -2.27 2.46
C PHE A 47 1.35 -1.61 1.12
N SER A 48 0.19 -1.05 0.79
CA SER A 48 -0.01 -0.22 -0.39
C SER A 48 -0.10 1.23 -0.04
N PRO A 49 0.96 2.01 -0.24
CA PRO A 49 0.84 3.42 0.11
C PRO A 49 -0.20 4.14 -0.80
N VAL A 50 -0.32 3.81 -2.08
CA VAL A 50 -1.27 4.54 -2.93
C VAL A 50 -2.70 4.26 -2.46
N SER A 51 -2.97 3.08 -1.93
CA SER A 51 -4.31 2.76 -1.43
C SER A 51 -4.66 3.70 -0.29
N ILE A 52 -3.73 3.87 0.64
CA ILE A 52 -3.99 4.69 1.80
C ILE A 52 -4.11 6.15 1.36
N SER A 53 -3.23 6.60 0.47
CA SER A 53 -3.32 7.98 -0.03
C SER A 53 -4.66 8.24 -0.68
N SER A 54 -5.16 7.29 -1.46
CA SER A 54 -6.43 7.45 -2.17
CA SER A 54 -6.41 7.50 -2.16
C SER A 54 -7.59 7.56 -1.20
N ALA A 55 -7.62 6.66 -0.22
CA ALA A 55 -8.70 6.69 0.77
C ALA A 55 -8.71 7.98 1.52
N LEU A 56 -7.55 8.48 1.96
CA LEU A 56 -7.52 9.71 2.73
C LEU A 56 -7.81 10.92 1.86
N ALA A 57 -7.32 10.92 0.61
CA ALA A 57 -7.63 12.02 -0.28
C ALA A 57 -9.12 12.08 -0.56
N MET A 58 -9.76 10.95 -0.78
CA MET A 58 -11.21 10.95 -0.96
C MET A 58 -11.91 11.48 0.29
N LEU A 59 -11.54 10.98 1.45
CA LEU A 59 -12.11 11.48 2.69
C LEU A 59 -11.98 12.98 2.81
N SER A 60 -10.84 13.53 2.39
CA SER A 60 -10.58 14.94 2.49
C SER A 60 -11.55 15.83 1.70
N LEU A 61 -12.25 15.28 0.72
CA LEU A 61 -13.28 16.02 0.01
C LEU A 61 -14.28 16.58 0.96
N GLY A 62 -14.49 15.87 2.06
CA GLY A 62 -15.53 16.23 3.01
C GLY A 62 -15.02 16.80 4.32
N ALA A 63 -13.72 17.09 4.40
CA ALA A 63 -13.11 17.59 5.60
C ALA A 63 -12.92 19.10 5.50
N LYS A 64 -12.92 19.77 6.64
CA LYS A 64 -12.67 21.20 6.69
CA LYS A 64 -12.66 21.20 6.68
C LYS A 64 -11.72 21.54 7.83
N GLY A 65 -11.26 22.79 7.85
CA GLY A 65 -10.42 23.28 8.92
C GLY A 65 -9.12 22.49 9.13
N ASP A 66 -8.71 22.41 10.39
CA ASP A 66 -7.50 21.70 10.77
C ASP A 66 -7.60 20.21 10.41
N THR A 67 -8.81 19.64 10.45
CA THR A 67 -8.96 18.24 10.05
C THR A 67 -8.45 18.08 8.61
N HIS A 68 -8.87 18.98 7.75
CA HIS A 68 -8.46 18.96 6.36
C HIS A 68 -6.96 19.26 6.18
N THR A 69 -6.49 20.34 6.79
CA THR A 69 -5.07 20.68 6.70
C THR A 69 -4.15 19.54 7.12
N GLN A 70 -4.48 18.90 8.23
CA GLN A 70 -3.69 17.79 8.72
C GLN A 70 -3.63 16.63 7.75
N ILE A 71 -4.75 16.32 7.13
CA ILE A 71 -4.77 15.25 6.14
C ILE A 71 -3.85 15.58 4.95
N LEU A 72 -4.00 16.78 4.40
CA LEU A 72 -3.20 17.16 3.25
C LEU A 72 -1.70 17.13 3.59
N GLU A 73 -1.33 17.75 4.71
CA GLU A 73 0.08 17.79 5.06
C GLU A 73 0.63 16.40 5.38
N GLY A 74 -0.17 15.59 6.05
CA GLY A 74 0.23 14.23 6.37
C GLY A 74 0.46 13.41 5.12
N LEU A 75 -0.30 13.71 4.07
CA LEU A 75 -0.21 13.03 2.80
C LEU A 75 0.97 13.51 1.93
N GLY A 76 1.63 14.59 2.35
CA GLY A 76 2.79 15.11 1.63
C GLY A 76 2.53 16.34 0.80
N PHE A 77 1.36 16.94 0.97
CA PHE A 77 0.97 18.10 0.19
C PHE A 77 1.07 19.39 0.98
N ASN A 78 1.14 20.49 0.26
CA ASN A 78 0.95 21.79 0.87
C ASN A 78 -0.50 21.94 1.35
N SER A 79 -0.69 22.62 2.48
CA SER A 79 -2.01 22.78 3.07
C SER A 79 -3.04 23.41 2.11
N GLU A 80 -2.57 24.21 1.15
CA GLU A 80 -3.47 24.88 0.21
C GLU A 80 -3.57 24.16 -1.14
N ALA A 81 -2.98 22.97 -1.24
CA ALA A 81 -3.00 22.20 -2.48
C ALA A 81 -4.44 21.77 -2.82
N ASP A 82 -4.75 21.78 -4.11
CA ASP A 82 -5.98 21.21 -4.63
C ASP A 82 -5.58 19.93 -5.32
N ILE A 83 -5.81 18.80 -4.65
CA ILE A 83 -5.24 17.53 -5.07
C ILE A 83 -6.17 16.65 -5.90
N HIS A 84 -7.43 17.02 -6.02
CA HIS A 84 -8.42 16.04 -6.42
C HIS A 84 -8.37 15.72 -7.92
N GLN A 85 -8.14 16.72 -8.75
CA GLN A 85 -8.02 16.40 -10.17
C GLN A 85 -6.76 15.58 -10.43
N GLY A 86 -5.69 15.81 -9.66
CA GLY A 86 -4.50 14.99 -9.76
C GLY A 86 -4.78 13.54 -9.40
N PHE A 87 -5.52 13.30 -8.31
CA PHE A 87 -5.88 11.94 -7.95
C PHE A 87 -6.81 11.31 -8.98
N GLN A 88 -7.73 12.08 -9.51
CA GLN A 88 -8.62 11.56 -10.53
C GLN A 88 -7.81 11.04 -11.70
N HIS A 89 -6.86 11.85 -12.16
CA HIS A 89 -5.99 11.46 -13.28
C HIS A 89 -5.13 10.26 -12.92
N LEU A 90 -4.56 10.25 -11.72
CA LEU A 90 -3.73 9.13 -11.29
C LEU A 90 -4.54 7.84 -11.30
N LEU A 91 -5.70 7.84 -10.66
CA LEU A 91 -6.49 6.62 -10.54
C LEU A 91 -6.97 6.15 -11.91
N GLN A 92 -7.39 7.08 -12.77
CA GLN A 92 -7.80 6.72 -14.14
C GLN A 92 -6.64 6.04 -14.84
N THR A 93 -5.44 6.57 -14.68
CA THR A 93 -4.25 6.02 -15.33
C THR A 93 -3.87 4.65 -14.76
N LEU A 94 -3.93 4.49 -13.44
CA LEU A 94 -3.62 3.22 -12.84
C LEU A 94 -4.60 2.15 -13.33
N ASN A 95 -5.85 2.56 -13.56
CA ASN A 95 -6.88 1.61 -13.95
C ASN A 95 -6.84 1.26 -15.44
N ARG A 96 -5.85 1.79 -16.17
CA ARG A 96 -5.69 1.49 -17.61
C ARG A 96 -4.31 0.87 -17.87
N PRO A 97 -4.05 -0.32 -17.29
CA PRO A 97 -2.74 -0.96 -17.49
C PRO A 97 -2.68 -1.62 -18.86
N LYS A 98 -1.46 -2.02 -19.23
CA LYS A 98 -1.31 -2.80 -20.44
C LYS A 98 -0.36 -3.92 -20.10
N GLY A 99 -0.76 -5.15 -20.36
CA GLY A 99 0.14 -6.27 -20.18
C GLY A 99 0.15 -6.90 -18.81
N LEU A 100 -0.56 -6.29 -17.87
CA LEU A 100 -0.68 -6.81 -16.54
C LEU A 100 -2.03 -6.35 -16.01
N GLN A 101 -2.42 -6.91 -14.87
CA GLN A 101 -3.65 -6.51 -14.20
C GLN A 101 -3.35 -5.54 -13.09
N LEU A 102 -4.08 -4.45 -13.10
CA LEU A 102 -4.00 -3.43 -12.07
C LEU A 102 -5.34 -2.71 -12.03
N LYS A 103 -5.93 -2.68 -10.85
CA LYS A 103 -7.21 -2.00 -10.65
C LYS A 103 -7.27 -1.51 -9.23
N THR A 104 -7.86 -0.33 -9.07
CA THR A 104 -8.11 0.21 -7.75
C THR A 104 -9.50 0.82 -7.74
N ALA A 105 -10.16 0.70 -6.60
CA ALA A 105 -11.53 1.12 -6.45
C ALA A 105 -11.76 1.73 -5.08
N ASN A 106 -12.71 2.65 -5.03
CA ASN A 106 -13.14 3.30 -3.82
C ASN A 106 -14.61 2.99 -3.59
N GLY A 107 -14.93 2.63 -2.37
CA GLY A 107 -16.31 2.27 -1.99
C GLY A 107 -16.76 3.03 -0.76
N LEU A 108 -18.04 3.40 -0.74
CA LEU A 108 -18.71 4.04 0.38
C LEU A 108 -19.88 3.16 0.75
N PHE A 109 -19.98 2.79 2.02
CA PHE A 109 -21.01 1.93 2.55
C PHE A 109 -21.71 2.65 3.64
N VAL A 110 -22.99 2.93 3.39
CA VAL A 110 -23.71 3.94 4.09
C VAL A 110 -24.93 3.33 4.74
N ASP A 111 -25.07 3.48 6.04
CA ASP A 111 -26.26 3.09 6.74
C ASP A 111 -27.40 3.98 6.23
N LYS A 112 -28.60 3.40 6.07
CA LYS A 112 -29.73 4.16 5.52
C LYS A 112 -30.24 5.27 6.47
N SER A 113 -29.78 5.27 7.71
CA SER A 113 -30.14 6.35 8.63
C SER A 113 -29.24 7.57 8.48
N LEU A 114 -28.16 7.44 7.71
CA LEU A 114 -27.20 8.54 7.54
C LEU A 114 -27.41 9.19 6.16
N LYS A 115 -27.63 10.50 6.17
CA LYS A 115 -27.73 11.27 4.94
C LYS A 115 -26.37 11.88 4.60
N LEU A 116 -25.76 11.45 3.52
CA LEU A 116 -24.53 12.09 3.03
C LEU A 116 -24.93 13.33 2.26
N LEU A 117 -24.06 14.33 2.26
CA LEU A 117 -24.25 15.48 1.37
C LEU A 117 -24.17 15.06 -0.08
N ASP A 118 -25.07 15.59 -0.91
CA ASP A 118 -25.03 15.32 -2.33
C ASP A 118 -23.70 15.69 -2.95
N SER A 119 -23.14 16.82 -2.52
CA SER A 119 -21.82 17.22 -3.02
C SER A 119 -20.74 16.18 -2.78
N PHE A 120 -20.73 15.54 -1.62
CA PHE A 120 -19.75 14.52 -1.33
C PHE A 120 -19.96 13.29 -2.22
N LEU A 121 -21.20 12.85 -2.32
CA LEU A 121 -21.49 11.75 -3.22
C LEU A 121 -21.05 12.04 -4.67
N GLU A 122 -21.39 13.23 -5.15
CA GLU A 122 -21.07 13.60 -6.53
C GLU A 122 -19.57 13.74 -6.73
N ASP A 123 -18.91 14.43 -5.82
CA ASP A 123 -17.46 14.63 -5.95
C ASP A 123 -16.70 13.32 -5.86
N SER A 124 -17.07 12.47 -4.90
CA SER A 124 -16.38 11.20 -4.74
C SER A 124 -16.59 10.30 -5.95
N LYS A 125 -17.81 10.31 -6.49
CA LYS A 125 -18.08 9.52 -7.70
C LYS A 125 -17.26 10.01 -8.87
N LYS A 126 -17.23 11.32 -9.07
CA LYS A 126 -16.52 11.89 -10.24
C LYS A 126 -15.01 11.76 -10.12
N LEU A 127 -14.47 12.17 -8.97
CA LEU A 127 -13.03 12.32 -8.83
C LEU A 127 -12.31 11.06 -8.39
N TYR A 128 -13.03 10.19 -7.66
CA TYR A 128 -12.44 9.01 -7.08
C TYR A 128 -13.13 7.74 -7.60
N GLN A 129 -14.02 7.88 -8.57
CA GLN A 129 -14.82 6.79 -9.11
C GLN A 129 -15.47 5.97 -8.01
N ALA A 130 -15.87 6.64 -6.93
CA ALA A 130 -16.39 5.95 -5.74
C ALA A 130 -17.70 5.29 -6.09
N GLU A 131 -17.84 4.06 -5.61
CA GLU A 131 -19.06 3.29 -5.68
C GLU A 131 -19.76 3.39 -4.34
N ALA A 132 -20.95 3.95 -4.30
CA ALA A 132 -21.69 4.16 -3.07
C ALA A 132 -22.83 3.17 -2.96
N PHE A 133 -22.98 2.60 -1.76
CA PHE A 133 -23.99 1.58 -1.50
C PHE A 133 -24.71 1.85 -0.19
N SER A 134 -26.03 1.61 -0.16
CA SER A 134 -26.77 1.57 1.08
C SER A 134 -26.69 0.17 1.61
N VAL A 135 -26.18 0.01 2.83
CA VAL A 135 -26.07 -1.34 3.38
C VAL A 135 -27.26 -1.67 4.26
N ASP A 136 -27.44 -2.96 4.46
CA ASP A 136 -28.54 -3.44 5.26
C ASP A 136 -28.40 -3.06 6.72
N PHE A 137 -29.53 -2.92 7.41
CA PHE A 137 -29.49 -2.67 8.82
C PHE A 137 -29.07 -3.88 9.68
N ASP A 138 -29.17 -5.08 9.12
CA ASP A 138 -28.68 -6.27 9.81
C ASP A 138 -27.15 -6.23 9.68
N PRO A 139 -26.41 -6.06 10.79
CA PRO A 139 -24.95 -5.87 10.67
C PRO A 139 -24.28 -7.08 10.05
N GLU A 140 -24.83 -8.28 10.20
CA GLU A 140 -24.23 -9.46 9.53
C GLU A 140 -24.39 -9.38 8.01
N GLU A 141 -25.52 -8.89 7.54
CA GLU A 141 -25.73 -8.71 6.12
C GLU A 141 -24.85 -7.58 5.61
N ALA A 142 -24.73 -6.50 6.36
CA ALA A 142 -23.86 -5.40 5.95
C ALA A 142 -22.39 -5.81 5.87
N LYS A 143 -21.97 -6.61 6.85
CA LYS A 143 -20.60 -7.14 6.85
C LYS A 143 -20.33 -7.98 5.59
N LYS A 144 -21.30 -8.79 5.20
CA LYS A 144 -21.15 -9.60 3.99
C LYS A 144 -21.11 -8.71 2.78
N GLN A 145 -21.95 -7.68 2.73
CA GLN A 145 -21.93 -6.76 1.61
C GLN A 145 -20.57 -6.11 1.43
N ILE A 146 -20.03 -5.57 2.52
CA ILE A 146 -18.74 -4.90 2.48
C ILE A 146 -17.60 -5.88 2.11
N ASN A 147 -17.59 -7.02 2.81
CA ASN A 147 -16.54 -7.98 2.55
C ASN A 147 -16.60 -8.54 1.13
N ASP A 148 -17.80 -8.76 0.61
CA ASP A 148 -17.94 -9.24 -0.76
C ASP A 148 -17.44 -8.19 -1.75
N TRP A 149 -17.70 -6.91 -1.50
CA TRP A 149 -17.16 -5.88 -2.38
C TRP A 149 -15.64 -5.90 -2.36
N VAL A 150 -15.05 -6.02 -1.18
CA VAL A 150 -13.60 -6.04 -1.09
C VAL A 150 -13.03 -7.27 -1.79
N GLU A 151 -13.67 -8.43 -1.62
CA GLU A 151 -13.23 -9.60 -2.35
C GLU A 151 -13.34 -9.39 -3.86
N LYS A 152 -14.43 -8.80 -4.32
CA LYS A 152 -14.58 -8.56 -5.76
C LYS A 152 -13.44 -7.67 -6.27
N GLN A 153 -13.07 -6.64 -5.54
CA GLN A 153 -12.05 -5.71 -6.01
C GLN A 153 -10.65 -6.28 -5.90
N THR A 154 -10.48 -7.33 -5.12
CA THR A 154 -9.16 -7.91 -4.92
C THR A 154 -9.08 -9.34 -5.45
N ASN A 155 -9.99 -9.76 -6.33
CA ASN A 155 -10.01 -11.12 -6.86
CA ASN A 155 -9.99 -11.14 -6.84
C ASN A 155 -9.87 -12.17 -5.74
N GLY A 156 -10.59 -11.94 -4.63
CA GLY A 156 -10.64 -12.86 -3.56
C GLY A 156 -9.41 -12.91 -2.69
N LYS A 157 -8.49 -11.97 -2.87
CA LYS A 157 -7.25 -12.02 -2.11
C LYS A 157 -7.29 -11.35 -0.75
N ILE A 158 -8.22 -10.39 -0.56
CA ILE A 158 -8.47 -9.77 0.75
C ILE A 158 -9.85 -10.27 1.21
N LYS A 159 -9.86 -11.28 2.06
CA LYS A 159 -11.09 -11.90 2.52
C LYS A 159 -11.36 -11.48 3.97
N ASP A 160 -12.65 -11.34 4.30
CA ASP A 160 -13.08 -11.09 5.67
C ASP A 160 -12.36 -9.88 6.26
N LEU A 161 -12.28 -8.78 5.49
CA LEU A 161 -11.62 -7.54 5.95
C LEU A 161 -12.31 -7.04 7.22
N LEU A 162 -13.63 -7.03 7.18
CA LEU A 162 -14.41 -6.55 8.30
C LEU A 162 -14.80 -7.76 9.11
N LYS A 163 -14.37 -7.82 10.36
CA LYS A 163 -14.66 -8.99 11.21
C LYS A 163 -15.70 -8.68 12.26
N ASP A 164 -15.71 -7.45 12.76
CA ASP A 164 -16.54 -7.08 13.91
C ASP A 164 -17.94 -6.48 13.60
N LEU A 165 -17.96 -5.39 12.84
CA LEU A 165 -19.11 -4.48 12.63
C LEU A 165 -20.05 -4.22 13.82
N ASP A 166 -20.11 -2.94 14.18
CA ASP A 166 -20.93 -2.45 15.27
C ASP A 166 -22.12 -1.70 14.67
N SER A 167 -23.30 -1.93 15.23
CA SER A 167 -24.52 -1.33 14.69
C SER A 167 -24.54 0.19 14.70
N ASP A 168 -23.74 0.80 15.56
CA ASP A 168 -23.63 2.26 15.59
C ASP A 168 -22.71 2.83 14.49
N THR A 169 -21.89 1.99 13.86
CA THR A 169 -21.11 2.48 12.71
C THR A 169 -22.06 2.79 11.58
N VAL A 170 -21.97 4.00 11.03
CA VAL A 170 -22.91 4.37 9.97
C VAL A 170 -22.29 4.66 8.61
N LEU A 171 -20.96 4.64 8.55
CA LEU A 171 -20.26 4.90 7.30
C LEU A 171 -18.95 4.14 7.31
N VAL A 172 -18.70 3.34 6.28
CA VAL A 172 -17.43 2.68 6.06
C VAL A 172 -16.92 3.14 4.71
N LEU A 173 -15.63 3.46 4.61
CA LEU A 173 -15.00 3.88 3.33
C LEU A 173 -13.83 2.97 3.06
N VAL A 174 -13.76 2.42 1.87
CA VAL A 174 -12.73 1.44 1.56
C VAL A 174 -12.06 1.82 0.26
N ASN A 175 -10.73 1.75 0.23
CA ASN A 175 -10.03 1.69 -1.02
C ASN A 175 -9.45 0.32 -1.17
N ALA A 176 -9.60 -0.28 -2.34
CA ALA A 176 -8.98 -1.55 -2.65
C ALA A 176 -8.05 -1.38 -3.83
N ILE A 177 -7.03 -2.23 -3.87
CA ILE A 177 -6.11 -2.32 -5.01
C ILE A 177 -5.77 -3.79 -5.27
N TYR A 178 -5.57 -4.10 -6.56
CA TYR A 178 -5.23 -5.44 -6.99
C TYR A 178 -4.22 -5.32 -8.12
N PHE A 179 -3.19 -6.17 -8.06
CA PHE A 179 -2.12 -6.20 -9.06
C PHE A 179 -1.73 -7.64 -9.35
N LYS A 180 -1.59 -7.97 -10.63
CA LYS A 180 -0.98 -9.24 -11.00
C LYS A 180 -0.18 -9.02 -12.25
N GLY A 181 1.11 -9.34 -12.14
CA GLY A 181 2.03 -9.16 -13.25
C GLY A 181 2.92 -10.35 -13.44
N LYS A 182 3.19 -10.65 -14.69
CA LYS A 182 4.19 -11.68 -15.04
C LYS A 182 5.53 -11.01 -15.12
N TRP A 183 6.58 -11.65 -14.62
CA TRP A 183 7.93 -11.14 -14.83
C TRP A 183 8.23 -11.03 -16.31
N LYS A 184 8.97 -9.99 -16.71
CA LYS A 184 9.55 -9.96 -18.03
C LYS A 184 10.52 -11.12 -18.23
N LYS A 185 11.29 -11.41 -17.17
CA LYS A 185 12.30 -12.48 -17.14
C LYS A 185 11.90 -13.45 -16.03
N PRO A 186 11.03 -14.40 -16.37
CA PRO A 186 10.58 -15.30 -15.32
C PRO A 186 11.70 -16.24 -14.93
N PHE A 187 11.57 -16.79 -13.72
CA PHE A 187 12.53 -17.76 -13.26
C PHE A 187 12.12 -19.12 -13.76
N ASP A 188 13.11 -19.96 -14.02
CA ASP A 188 12.87 -21.35 -14.41
C ASP A 188 12.64 -22.13 -13.10
N PRO A 189 11.45 -22.73 -12.93
CA PRO A 189 11.20 -23.47 -11.69
C PRO A 189 12.19 -24.59 -11.46
N GLU A 190 12.80 -25.12 -12.52
CA GLU A 190 13.77 -26.18 -12.32
C GLU A 190 15.05 -25.72 -11.63
N ASN A 191 15.28 -24.41 -11.58
CA ASN A 191 16.42 -23.86 -10.87
C ASN A 191 16.08 -23.43 -9.45
N THR A 192 14.83 -23.60 -9.04
CA THR A 192 14.45 -23.31 -7.65
C THR A 192 14.90 -24.45 -6.75
N LYS A 193 15.50 -24.09 -5.61
CA LYS A 193 16.13 -25.04 -4.73
C LYS A 193 15.81 -24.66 -3.31
N GLU A 194 15.39 -25.62 -2.49
CA GLU A 194 15.12 -25.35 -1.08
C GLU A 194 16.42 -25.19 -0.31
N GLU A 195 16.44 -24.14 0.54
CA GLU A 195 17.57 -23.84 1.41
C GLU A 195 17.01 -23.90 2.82
N ASP A 196 17.80 -24.39 3.75
CA ASP A 196 17.42 -24.39 5.14
C ASP A 196 17.68 -23.02 5.70
N PHE A 197 16.62 -22.39 6.18
CA PHE A 197 16.71 -21.10 6.80
C PHE A 197 16.46 -21.28 8.30
N HIS A 198 17.53 -21.12 9.05
CA HIS A 198 17.47 -21.11 10.52
C HIS A 198 16.94 -19.80 11.11
N VAL A 199 15.62 -19.73 11.23
CA VAL A 199 14.96 -18.53 11.77
C VAL A 199 15.48 -18.15 13.17
N ASP A 200 15.56 -19.12 14.08
CA ASP A 200 16.20 -18.93 15.39
C ASP A 200 17.06 -20.14 15.73
N GLU A 201 17.46 -20.24 16.99
CA GLU A 201 18.38 -21.30 17.40
C GLU A 201 17.68 -22.66 17.37
N LYS A 202 16.36 -22.64 17.46
CA LYS A 202 15.58 -23.88 17.51
C LYS A 202 14.81 -24.13 16.21
N THR A 203 14.54 -23.07 15.45
CA THR A 203 13.61 -23.15 14.32
C THR A 203 14.24 -23.02 12.92
N THR A 204 14.00 -24.03 12.08
CA THR A 204 14.51 -24.08 10.70
C THR A 204 13.33 -23.97 9.76
N VAL A 205 13.42 -23.08 8.76
CA VAL A 205 12.40 -22.98 7.72
C VAL A 205 13.02 -23.30 6.36
N LYS A 206 12.36 -24.16 5.61
CA LYS A 206 12.83 -24.53 4.28
C LYS A 206 12.24 -23.53 3.31
N VAL A 207 13.13 -22.75 2.68
CA VAL A 207 12.75 -21.66 1.80
C VAL A 207 13.07 -22.04 0.35
N PRO A 208 12.07 -21.96 -0.54
CA PRO A 208 12.43 -22.17 -1.95
C PRO A 208 13.11 -20.92 -2.50
N MET A 209 14.33 -21.11 -2.97
CA MET A 209 15.11 -20.00 -3.49
C MET A 209 15.14 -20.08 -5.00
N MET A 210 14.56 -19.10 -5.65
CA MET A 210 14.55 -19.05 -7.11
C MET A 210 15.86 -18.47 -7.56
N SER A 211 16.29 -18.82 -8.76
CA SER A 211 17.52 -18.20 -9.26
C SER A 211 17.54 -18.09 -10.77
N GLN A 212 18.22 -17.06 -11.25
CA GLN A 212 18.50 -16.93 -12.68
C GLN A 212 19.73 -16.06 -12.86
N LYS A 213 20.42 -16.24 -13.96
CA LYS A 213 21.51 -15.34 -14.36
C LYS A 213 20.95 -14.53 -15.52
N GLY A 214 21.29 -13.24 -15.55
CA GLY A 214 20.84 -12.41 -16.64
C GLY A 214 21.42 -11.03 -16.52
N LYS A 215 20.99 -10.17 -17.42
CA LYS A 215 21.43 -8.77 -17.43
C LYS A 215 20.29 -7.93 -16.92
N PHE A 216 20.52 -7.26 -15.79
CA PHE A 216 19.50 -6.53 -15.08
C PHE A 216 20.02 -5.15 -14.76
N TYR A 217 19.10 -4.19 -14.69
CA TYR A 217 19.46 -2.86 -14.20
C TYR A 217 19.74 -2.94 -12.71
N TYR A 218 20.92 -2.46 -12.33
CA TYR A 218 21.50 -2.71 -11.01
C TYR A 218 22.36 -1.53 -10.63
N TYR A 219 22.45 -1.29 -9.33
CA TYR A 219 23.28 -0.23 -8.78
C TYR A 219 23.75 -0.64 -7.41
N HIS A 220 25.04 -0.47 -7.11
CA HIS A 220 25.50 -0.56 -5.73
C HIS A 220 25.59 0.87 -5.16
N ASP A 221 24.76 1.14 -4.18
CA ASP A 221 24.74 2.43 -3.47
C ASP A 221 25.74 2.38 -2.33
N ASP A 222 26.90 2.99 -2.55
CA ASP A 222 27.94 2.95 -1.53
C ASP A 222 27.57 3.79 -0.29
N GLU A 223 26.81 4.86 -0.51
CA GLU A 223 26.48 5.79 0.56
C GLU A 223 25.47 5.19 1.53
N LEU A 224 24.53 4.44 0.98
CA LEU A 224 23.49 3.82 1.77
C LEU A 224 23.79 2.35 2.06
N SER A 225 24.94 1.90 1.58
CA SER A 225 25.40 0.51 1.79
C SER A 225 24.33 -0.51 1.40
N CYS A 226 23.86 -0.43 0.17
CA CYS A 226 22.86 -1.35 -0.29
C CYS A 226 22.98 -1.59 -1.77
N LYS A 227 22.43 -2.72 -2.19
CA LYS A 227 22.36 -3.08 -3.60
C LYS A 227 20.93 -2.89 -4.09
N VAL A 228 20.77 -2.36 -5.29
CA VAL A 228 19.48 -2.03 -5.84
C VAL A 228 19.36 -2.73 -7.19
N LEU A 229 18.25 -3.47 -7.39
CA LEU A 229 18.02 -4.22 -8.63
C LEU A 229 16.61 -4.03 -9.10
N GLU A 230 16.40 -3.81 -10.39
CA GLU A 230 15.08 -3.69 -10.94
C GLU A 230 14.67 -5.00 -11.62
N LEU A 231 13.49 -5.49 -11.29
CA LEU A 231 12.89 -6.66 -11.93
C LEU A 231 11.65 -6.22 -12.64
N PRO A 232 11.71 -6.06 -13.97
CA PRO A 232 10.56 -5.57 -14.69
C PRO A 232 9.45 -6.61 -14.83
N TYR A 233 8.21 -6.14 -14.84
CA TYR A 233 7.09 -6.96 -15.30
C TYR A 233 6.87 -6.77 -16.76
N LYS A 234 6.15 -7.71 -17.38
CA LYS A 234 5.66 -7.47 -18.73
CA LYS A 234 5.64 -7.49 -18.72
C LYS A 234 4.55 -6.43 -18.55
N GLY A 235 4.59 -5.37 -19.32
CA GLY A 235 3.62 -4.30 -19.11
C GLY A 235 4.17 -3.24 -18.20
N ASN A 236 3.27 -2.41 -17.67
CA ASN A 236 3.72 -1.11 -17.17
C ASN A 236 4.07 -1.05 -15.68
N ALA A 237 4.91 -1.97 -15.20
CA ALA A 237 5.37 -1.91 -13.82
C ALA A 237 6.72 -2.60 -13.64
N SER A 238 7.34 -2.38 -12.50
CA SER A 238 8.56 -3.07 -12.13
C SER A 238 8.59 -3.27 -10.63
N MET A 239 9.41 -4.20 -10.17
CA MET A 239 9.76 -4.32 -8.77
C MET A 239 11.19 -3.84 -8.57
N LEU A 240 11.41 -2.99 -7.59
CA LEU A 240 12.74 -2.54 -7.25
C LEU A 240 13.09 -3.21 -5.94
N ILE A 241 14.18 -3.96 -5.92
CA ILE A 241 14.62 -4.67 -4.73
C ILE A 241 15.86 -3.99 -4.14
N ILE A 242 15.87 -3.77 -2.83
CA ILE A 242 16.96 -3.05 -2.16
C ILE A 242 17.44 -3.91 -1.03
N LEU A 243 18.70 -4.32 -1.12
CA LEU A 243 19.29 -5.21 -0.14
C LEU A 243 20.35 -4.48 0.63
N PRO A 244 20.06 -4.12 1.89
CA PRO A 244 21.08 -3.43 2.68
C PRO A 244 22.11 -4.42 3.10
N ASP A 245 23.35 -3.97 3.16
CA ASP A 245 24.38 -4.73 3.86
C ASP A 245 23.93 -5.06 5.28
N GLU A 246 24.56 -6.06 5.86
CA GLU A 246 24.27 -6.44 7.24
C GLU A 246 24.52 -5.25 8.14
N GLY A 247 23.57 -4.95 9.01
CA GLY A 247 23.71 -3.86 9.97
C GLY A 247 23.43 -2.48 9.37
N GLY A 248 23.14 -2.44 8.07
CA GLY A 248 22.88 -1.17 7.40
C GLY A 248 21.41 -0.77 7.28
N LEU A 249 20.52 -1.59 7.84
CA LEU A 249 19.10 -1.34 7.64
C LEU A 249 18.59 0.00 8.18
N GLN A 250 18.93 0.34 9.42
CA GLN A 250 18.42 1.56 10.04
C GLN A 250 18.80 2.78 9.20
N HIS A 251 20.05 2.85 8.78
CA HIS A 251 20.52 3.99 8.02
C HIS A 251 19.82 4.06 6.68
N LEU A 252 19.62 2.92 6.05
CA LEU A 252 18.86 2.88 4.81
C LEU A 252 17.43 3.38 5.02
N GLU A 253 16.75 2.86 6.03
CA GLU A 253 15.35 3.20 6.23
C GLU A 253 15.20 4.71 6.50
N GLN A 254 16.11 5.27 7.27
CA GLN A 254 16.04 6.68 7.61
C GLN A 254 16.46 7.56 6.43
N SER A 255 17.03 6.98 5.40
CA SER A 255 17.45 7.73 4.22
C SER A 255 16.47 7.65 3.09
N LEU A 256 15.39 6.86 3.22
CA LEU A 256 14.42 6.72 2.14
C LEU A 256 13.64 8.01 1.93
N THR A 257 13.78 8.58 0.73
CA THR A 257 13.09 9.81 0.35
C THR A 257 12.82 9.70 -1.15
N PRO A 258 11.93 10.54 -1.66
CA PRO A 258 11.78 10.60 -3.13
C PRO A 258 13.10 10.85 -3.85
N GLU A 259 13.95 11.69 -3.29
CA GLU A 259 15.24 11.95 -3.93
C GLU A 259 16.11 10.69 -3.99
N THR A 260 16.11 9.89 -2.93
CA THR A 260 16.86 8.62 -2.94
C THR A 260 16.35 7.71 -4.04
N LEU A 261 15.05 7.59 -4.18
CA LEU A 261 14.47 6.73 -5.21
C LEU A 261 14.88 7.25 -6.58
N SER A 262 14.82 8.55 -6.81
CA SER A 262 15.20 9.13 -8.09
CA SER A 262 15.19 9.08 -8.11
CA SER A 262 15.20 9.10 -8.10
C SER A 262 16.67 8.86 -8.38
N LYS A 263 17.52 9.03 -7.37
CA LYS A 263 18.93 8.73 -7.48
C LYS A 263 19.12 7.28 -7.95
N TRP A 264 18.45 6.38 -7.28
CA TRP A 264 18.57 4.96 -7.65
C TRP A 264 18.18 4.75 -9.09
N LEU A 265 17.01 5.23 -9.47
CA LEU A 265 16.51 5.00 -10.83
C LEU A 265 17.43 5.55 -11.89
N LYS A 266 18.02 6.73 -11.66
CA LYS A 266 18.93 7.35 -12.61
C LYS A 266 20.30 6.69 -12.64
N SER A 267 20.64 5.92 -11.61
CA SER A 267 21.97 5.36 -11.43
C SER A 267 22.07 3.90 -11.85
N LEU A 268 20.93 3.26 -12.06
CA LEU A 268 20.91 1.86 -12.49
C LEU A 268 21.61 1.70 -13.85
N THR A 269 22.43 0.67 -13.99
CA THR A 269 23.01 0.34 -15.30
C THR A 269 22.87 -1.15 -15.50
N ARG A 270 22.94 -1.58 -16.76
CA ARG A 270 22.74 -2.99 -17.06
C ARG A 270 23.98 -3.78 -16.69
N ARG A 271 23.79 -4.78 -15.85
CA ARG A 271 24.90 -5.60 -15.35
C ARG A 271 24.52 -7.08 -15.41
N SER A 272 25.50 -7.92 -15.67
CA SER A 272 25.30 -9.36 -15.54
C SER A 272 25.29 -9.71 -14.08
N VAL A 273 24.21 -10.31 -13.63
CA VAL A 273 24.06 -10.68 -12.23
C VAL A 273 23.50 -12.08 -12.09
N GLU A 274 23.83 -12.73 -10.99
CA GLU A 274 23.20 -13.99 -10.62
C GLU A 274 22.23 -13.66 -9.51
N LEU A 275 20.95 -13.76 -9.83
CA LEU A 275 19.89 -13.31 -8.97
C LEU A 275 19.35 -14.50 -8.18
N TYR A 276 19.32 -14.37 -6.86
CA TYR A 276 18.64 -15.34 -6.01
C TYR A 276 17.55 -14.59 -5.32
N LEU A 277 16.33 -15.10 -5.43
CA LEU A 277 15.17 -14.45 -4.85
C LEU A 277 14.27 -15.52 -4.25
N PRO A 278 13.90 -15.40 -2.97
CA PRO A 278 12.93 -16.36 -2.44
C PRO A 278 11.60 -16.31 -3.09
N LYS A 279 10.97 -17.48 -3.20
CA LYS A 279 9.54 -17.58 -3.46
C LYS A 279 8.83 -17.41 -2.16
N PHE A 280 7.95 -16.42 -2.06
CA PHE A 280 7.35 -16.16 -0.75
C PHE A 280 6.04 -15.44 -0.83
N LYS A 281 5.39 -15.47 0.34
CA LYS A 281 4.10 -14.84 0.54
C LYS A 281 4.18 -14.12 1.85
N ILE A 282 3.71 -12.88 1.88
CA ILE A 282 3.63 -12.13 3.12
C ILE A 282 2.32 -11.35 3.19
N GLU A 283 1.96 -10.98 4.41
CA GLU A 283 0.75 -10.21 4.67
C GLU A 283 1.10 -9.16 5.72
N GLY A 284 0.48 -8.00 5.64
CA GLY A 284 0.56 -7.04 6.73
C GLY A 284 -0.83 -6.57 7.07
N THR A 285 -1.06 -6.36 8.35
CA THR A 285 -2.32 -5.80 8.86
C THR A 285 -1.93 -4.77 9.89
N TYR A 286 -2.44 -3.56 9.71
CA TYR A 286 -2.05 -2.41 10.49
C TYR A 286 -3.24 -1.62 10.99
N ASP A 287 -3.11 -1.17 12.22
CA ASP A 287 -3.99 -0.17 12.79
C ASP A 287 -3.55 1.19 12.24
N LEU A 288 -4.32 1.76 11.34
CA LEU A 288 -3.92 3.02 10.70
C LEU A 288 -4.17 4.25 11.50
N LYS A 289 -5.13 4.20 12.42
CA LYS A 289 -5.36 5.34 13.29
C LYS A 289 -4.08 5.75 14.01
N GLU A 290 -3.41 4.78 14.63
CA GLU A 290 -2.20 5.07 15.33
C GLU A 290 -1.06 5.60 14.44
N VAL A 291 -0.86 4.92 13.33
CA VAL A 291 0.18 5.27 12.38
C VAL A 291 -0.01 6.71 11.85
N LEU A 292 -1.22 6.99 11.41
CA LEU A 292 -1.52 8.28 10.79
C LEU A 292 -1.45 9.45 11.78
N SER A 293 -1.77 9.19 13.03
CA SER A 293 -1.59 10.20 14.08
C SER A 293 -0.14 10.71 14.20
N ASN A 294 0.84 9.82 14.02
CA ASN A 294 2.25 10.24 14.06
C ASN A 294 2.69 11.09 12.88
N LEU A 295 1.91 11.07 11.80
CA LEU A 295 2.18 11.92 10.65
C LEU A 295 1.40 13.19 10.73
N GLY A 296 0.80 13.43 11.89
CA GLY A 296 0.13 14.67 12.17
C GLY A 296 -1.38 14.64 11.97
N ILE A 297 -1.92 13.52 11.55
CA ILE A 297 -3.36 13.42 11.30
C ILE A 297 -4.06 13.03 12.60
N THR A 298 -4.51 14.02 13.36
CA THR A 298 -5.05 13.77 14.68
C THR A 298 -6.52 14.10 14.81
N ASP A 299 -6.93 15.27 14.30
CA ASP A 299 -8.30 15.74 14.49
C ASP A 299 -9.31 14.74 13.91
N LEU A 300 -8.95 14.11 12.79
CA LEU A 300 -9.78 13.13 12.10
C LEU A 300 -10.24 12.02 13.03
N PHE A 301 -9.39 11.69 14.01
CA PHE A 301 -9.65 10.56 14.90
C PHE A 301 -10.22 10.95 16.24
N SER A 302 -10.71 12.18 16.34
CA SER A 302 -11.27 12.68 17.57
C SER A 302 -12.70 13.14 17.35
N PRO A 303 -13.54 13.09 18.38
CA PRO A 303 -14.93 13.57 18.28
C PRO A 303 -15.03 15.00 17.73
N GLY A 304 -13.98 15.81 17.87
CA GLY A 304 -14.02 17.14 17.29
C GLY A 304 -13.78 17.26 15.78
N ALA A 305 -13.56 16.15 15.08
CA ALA A 305 -13.24 16.19 13.65
C ALA A 305 -14.26 17.01 12.86
N ASP A 306 -13.79 17.74 11.84
CA ASP A 306 -14.70 18.45 10.96
C ASP A 306 -14.79 17.69 9.63
N LEU A 307 -15.80 16.84 9.59
CA LEU A 307 -16.19 16.12 8.40
C LEU A 307 -17.56 16.62 7.92
N SER A 308 -17.78 17.93 8.05
CA SER A 308 -19.07 18.53 7.71
C SER A 308 -19.34 18.53 6.19
N GLY A 309 -18.33 18.27 5.35
CA GLY A 309 -18.53 18.12 3.91
C GLY A 309 -18.99 16.72 3.52
N ILE A 310 -18.97 15.79 4.49
CA ILE A 310 -19.47 14.43 4.24
C ILE A 310 -20.95 14.34 4.61
N THR A 311 -21.29 14.87 5.78
CA THR A 311 -22.63 14.79 6.36
C THR A 311 -22.83 15.86 7.41
N GLU A 312 -24.07 16.26 7.69
CA GLU A 312 -24.34 17.20 8.76
C GLU A 312 -24.27 16.52 10.13
N GLU A 313 -24.42 15.20 10.15
CA GLU A 313 -24.34 14.43 11.38
C GLU A 313 -22.92 14.50 11.93
N LYS A 314 -22.79 14.38 13.25
CA LYS A 314 -21.49 14.27 13.88
C LYS A 314 -20.84 13.02 13.32
N LEU A 315 -19.59 13.14 12.86
CA LEU A 315 -18.86 11.98 12.36
C LEU A 315 -17.38 12.19 12.62
N TYR A 316 -16.69 11.13 13.07
CA TYR A 316 -15.23 11.14 13.14
C TYR A 316 -14.79 9.71 12.92
N VAL A 317 -13.50 9.49 12.74
CA VAL A 317 -12.98 8.14 12.47
C VAL A 317 -12.48 7.54 13.77
N SER A 318 -13.11 6.45 14.22
CA SER A 318 -12.72 5.82 15.48
C SER A 318 -11.79 4.64 15.31
N LYS A 319 -11.69 4.13 14.09
CA LYS A 319 -10.83 2.98 13.80
C LYS A 319 -10.53 2.95 12.34
N ALA A 320 -9.37 2.38 11.98
CA ALA A 320 -9.04 2.23 10.59
C ALA A 320 -8.00 1.15 10.44
N VAL A 321 -8.11 0.39 9.36
CA VAL A 321 -7.23 -0.73 9.10
C VAL A 321 -6.62 -0.59 7.72
N HIS A 322 -5.42 -1.15 7.57
CA HIS A 322 -4.87 -1.45 6.26
C HIS A 322 -4.44 -2.91 6.25
N LYS A 323 -4.83 -3.63 5.20
CA LYS A 323 -4.46 -5.03 5.04
C LYS A 323 -3.90 -5.20 3.64
N ALA A 324 -2.76 -5.88 3.52
CA ALA A 324 -2.12 -6.10 2.25
C ALA A 324 -1.53 -7.50 2.22
N VAL A 325 -1.55 -8.11 1.02
CA VAL A 325 -1.06 -9.48 0.82
C VAL A 325 -0.31 -9.52 -0.50
N LEU A 326 0.71 -10.39 -0.51
CA LEU A 326 1.59 -10.56 -1.65
C LEU A 326 2.02 -12.00 -1.81
N GLU A 327 2.13 -12.41 -3.08
CA GLU A 327 2.72 -13.66 -3.47
C GLU A 327 3.71 -13.41 -4.61
N VAL A 328 4.93 -13.88 -4.42
CA VAL A 328 6.01 -13.78 -5.42
C VAL A 328 6.46 -15.20 -5.74
N ASN A 329 6.52 -15.56 -7.02
CA ASN A 329 6.97 -16.87 -7.44
C ASN A 329 7.70 -16.76 -8.80
N GLU A 330 7.94 -17.89 -9.42
CA GLU A 330 8.80 -17.89 -10.60
C GLU A 330 8.16 -17.16 -11.78
N GLU A 331 6.84 -17.13 -11.79
CA GLU A 331 6.09 -16.54 -12.91
C GLU A 331 5.89 -15.05 -12.78
N GLY A 332 5.75 -14.54 -11.55
CA GLY A 332 5.48 -13.14 -11.35
C GLY A 332 5.03 -12.82 -9.95
N THR A 333 4.14 -11.86 -9.83
CA THR A 333 3.72 -11.32 -8.53
C THR A 333 2.23 -11.07 -8.57
N GLU A 334 1.57 -11.40 -7.47
CA GLU A 334 0.15 -11.05 -7.28
C GLU A 334 0.05 -10.36 -5.91
N ALA A 335 -0.55 -9.17 -5.87
CA ALA A 335 -0.63 -8.41 -4.62
C ALA A 335 -1.98 -7.74 -4.55
N ALA A 336 -2.44 -7.51 -3.34
CA ALA A 336 -3.69 -6.79 -3.18
C ALA A 336 -3.66 -6.12 -1.84
N ALA A 337 -4.46 -5.08 -1.69
CA ALA A 337 -4.58 -4.41 -0.41
C ALA A 337 -5.93 -3.72 -0.28
N ALA A 338 -6.28 -3.43 0.96
CA ALA A 338 -7.47 -2.63 1.26
C ALA A 338 -7.20 -1.74 2.43
N THR A 339 -7.71 -0.52 2.33
CA THR A 339 -7.68 0.47 3.42
C THR A 339 -9.14 0.67 3.83
N GLY A 340 -9.41 0.37 5.09
CA GLY A 340 -10.77 0.42 5.59
C GLY A 340 -10.91 1.45 6.67
N VAL A 341 -11.62 2.53 6.36
CA VAL A 341 -11.89 3.55 7.31
C VAL A 341 -13.16 3.15 8.06
N GLU A 342 -13.10 3.12 9.38
CA GLU A 342 -14.14 2.67 10.29
C GLU A 342 -14.31 1.16 10.31
N ILE A 343 -13.20 0.46 10.05
CA ILE A 343 -13.11 -1.00 10.23
C ILE A 343 -12.02 -1.25 11.28
N VAL A 344 -12.34 -2.12 12.21
CA VAL A 344 -11.42 -2.51 13.28
C VAL A 344 -10.25 -3.35 12.77
N PRO A 345 -9.02 -2.96 13.11
CA PRO A 345 -7.86 -3.79 12.76
C PRO A 345 -7.67 -4.95 13.73
N ARG A 346 -7.14 -6.06 13.22
CA ARG A 346 -6.66 -7.15 14.06
C ARG A 346 -5.15 -7.17 14.00
N SER A 347 -4.54 -7.97 14.85
CA SER A 347 -3.09 -8.09 14.91
C SER A 347 -2.71 -9.55 14.80
N PRO A 348 -2.75 -10.08 13.59
CA PRO A 348 -2.33 -11.45 13.35
C PRO A 348 -0.82 -11.52 13.46
N PRO A 349 -0.27 -12.73 13.59
CA PRO A 349 1.20 -12.89 13.55
C PRO A 349 1.85 -12.41 12.28
N GLU A 350 3.00 -11.79 12.44
CA GLU A 350 3.85 -11.42 11.32
C GLU A 350 5.27 -11.70 11.76
N PHE A 351 6.13 -11.88 10.77
CA PHE A 351 7.58 -12.11 10.85
C PHE A 351 8.30 -12.45 12.13
N LYS A 352 8.54 -13.71 12.39
CA LYS A 352 9.34 -14.11 13.52
C LYS A 352 10.64 -13.18 13.53
N ALA A 353 11.49 -13.27 12.48
CA ALA A 353 12.64 -12.36 12.16
C ALA A 353 14.10 -12.67 11.60
N ASP A 354 14.51 -12.06 10.51
CA ASP A 354 15.88 -12.35 10.10
C ASP A 354 16.33 -11.19 9.22
N ARG A 355 17.52 -11.28 8.62
CA ARG A 355 18.05 -10.20 7.79
C ARG A 355 17.06 -9.89 6.69
N PRO A 356 16.86 -8.60 6.34
CA PRO A 356 15.84 -8.37 5.34
C PRO A 356 16.26 -7.67 4.10
N PHE A 357 15.37 -7.71 3.12
CA PHE A 357 15.45 -6.86 1.99
C PHE A 357 14.15 -6.04 1.87
N LEU A 358 14.27 -4.89 1.24
CA LEU A 358 13.14 -4.01 0.97
C LEU A 358 12.76 -4.16 -0.48
N PHE A 359 11.52 -3.83 -0.80
CA PHE A 359 11.15 -3.77 -2.19
C PHE A 359 9.99 -2.84 -2.43
N LEU A 360 9.89 -2.37 -3.66
CA LEU A 360 8.82 -1.49 -4.10
C LEU A 360 8.25 -2.07 -5.37
N ILE A 361 6.94 -2.00 -5.54
CA ILE A 361 6.29 -2.26 -6.85
C ILE A 361 5.81 -0.92 -7.39
N ARG A 362 6.32 -0.52 -8.56
CA ARG A 362 6.12 0.83 -9.08
CA ARG A 362 6.15 0.84 -9.08
C ARG A 362 5.45 0.73 -10.44
N GLU A 363 4.51 1.62 -10.71
CA GLU A 363 3.85 1.70 -12.01
C GLU A 363 4.66 2.65 -12.89
N ASN A 364 4.87 2.28 -14.14
CA ASN A 364 5.85 2.97 -14.99
C ASN A 364 5.48 4.38 -15.42
N LYS A 365 4.23 4.60 -15.81
CA LYS A 365 3.85 5.87 -16.43
C LYS A 365 3.85 6.97 -15.37
N THR A 366 3.27 6.65 -14.22
CA THR A 366 3.07 7.62 -13.13
C THR A 366 4.19 7.61 -12.07
N GLY A 367 4.98 6.55 -12.05
CA GLY A 367 5.93 6.34 -10.99
C GLY A 367 5.32 6.01 -9.64
N SER A 368 4.03 5.71 -9.58
CA SER A 368 3.37 5.44 -8.31
CA SER A 368 3.38 5.44 -8.31
C SER A 368 3.92 4.22 -7.62
N ILE A 369 4.19 4.35 -6.32
CA ILE A 369 4.53 3.21 -5.50
C ILE A 369 3.22 2.53 -5.14
N LEU A 370 2.96 1.42 -5.81
CA LEU A 370 1.73 0.65 -5.58
C LEU A 370 1.82 -0.12 -4.29
N PHE A 371 2.97 -0.75 -4.01
CA PHE A 371 3.19 -1.55 -2.84
C PHE A 371 4.62 -1.39 -2.37
N MET A 372 4.84 -1.55 -1.08
CA MET A 372 6.19 -1.53 -0.50
C MET A 372 6.26 -2.56 0.59
N GLY A 373 7.41 -3.20 0.70
CA GLY A 373 7.61 -4.19 1.74
C GLY A 373 9.03 -4.27 2.27
N LYS A 374 9.11 -4.94 3.39
CA LYS A 374 10.34 -5.40 3.98
C LYS A 374 10.10 -6.85 4.31
N VAL A 375 10.97 -7.70 3.79
CA VAL A 375 10.79 -9.14 3.99
C VAL A 375 11.95 -9.63 4.80
N VAL A 376 11.69 -10.16 5.99
CA VAL A 376 12.80 -10.61 6.82
C VAL A 376 13.31 -11.94 6.25
N ASN A 377 13.22 -11.94 4.91
CA ASN A 377 13.82 -12.87 3.99
C ASN A 377 15.23 -12.37 3.78
N PRO A 378 16.13 -13.18 3.25
N PRO A 378 16.01 -13.14 3.03
CA PRO A 378 17.38 -12.45 2.98
CA PRO A 378 17.23 -13.88 3.33
C PRO A 378 17.59 -12.03 1.52
C PRO A 378 17.09 -14.85 4.50
C1 GOL B . 4.61 12.59 3.94
O1 GOL B . 4.83 13.48 2.89
C2 GOL B . 4.44 13.35 5.25
O2 GOL B . 3.68 12.53 6.09
C3 GOL B . 5.80 13.66 5.87
O3 GOL B . 5.66 14.31 7.13
H11 GOL B . 5.45 11.90 4.02
H12 GOL B . 3.71 12.01 3.74
H2 GOL B . 3.92 14.28 5.05
HO2 GOL B . 4.16 11.69 6.26
H31 GOL B . 6.37 14.29 5.20
H32 GOL B . 6.36 12.73 6.01
HO3 GOL B . 4.96 13.86 7.67
C1 GOL C . -26.34 4.99 -1.65
O1 GOL C . -25.49 5.37 -0.59
C2 GOL C . -27.08 6.24 -2.07
O2 GOL C . -26.13 7.27 -2.22
C3 GOL C . -28.13 6.59 -1.03
O3 GOL C . -28.72 7.83 -1.33
H11 GOL C . -27.04 4.22 -1.32
H12 GOL C . -25.75 4.60 -2.48
HO1 GOL C . -25.04 4.58 -0.23
H2 GOL C . -27.58 6.05 -3.03
HO2 GOL C . -26.59 8.11 -2.48
H31 GOL C . -27.67 6.62 -0.04
H32 GOL C . -28.91 5.81 -1.01
HO3 GOL C . -28.78 7.94 -2.30
#